data_5ES7
#
_entry.id   5ES7
#
_cell.length_a   160.943
_cell.length_b   160.943
_cell.length_c   137.581
_cell.angle_alpha   90.000
_cell.angle_beta   90.000
_cell.angle_gamma   90.000
#
_symmetry.space_group_name_H-M   'P 41 21 2'
#
loop_
_entity.id
_entity.type
_entity.pdbx_description
1 polymer 'Linear gramicidin synthetase subunit A'
2 non-polymer 'N-{[4-({[(6R)-2-amino-5-formyl-4-oxo-1,4,5,6,7,8-hexahydropteridin-6-yl]methyl}amino)phenyl]carbonyl}-L-glutamic acid'
3 non-polymer VALINE
4 non-polymer 'DIPHOSPHOMETHYLPHOSPHONIC ACID ADENOSYL ESTER'
5 water water
#
_entity_poly.entity_id   1
_entity_poly.type   'polypeptide(L)'
_entity_poly.pdbx_seq_one_letter_code
;MGRILFLTTFMSKGNKVVRYLESLHHEVVICQEKVHAQSANLQEIDWIVSYAYGYILDKEIVSRFRGRIINLHPSLLPWN
KGRDPVFWSVWDETPKGVTIHLIDEHVDTGDILVQEEIAFADEDTLLDCYNKANQAIEELFIREWENIVHGRIAPYRQTA
GGTLHFKADRDFYKNLNMTTVRELLALKRLCAEPKRGEKPIDKTFHQLFEQQVEMTPDHVAVVDRGQSLTYKQLNERANQ
LAHHLRGKGVKPDDQVAIMLDKSLDMIVSILAVMKAGGAYVPIDPDYPGERIAYMLADSSAAILLTNALHEEKANGACDI
IDVHDPDSYSENTNNLPHVNRPDDLVYVMYTSGSTGLAKGVMIEHHNLVNFCEWYRPYFGVTPADKALVYSSFSFDGSAL
DIFTHLLAGAALHIVPSERKYDLDALNDYCNQEGITISYLPTGAAEQFMQMDNQSFRVVITGGDVLKKIERNGTYKLYNG
YGPTECTIMVTMFEVDKPYANIPIGKPIDRTRILILDEALALQPIGVAGELFIVGEGLGRGYLNRPELTAEKFIVHPQTG
ERMYRTGDRARFLPDGNIEFLGRLDNLVKIRGYRIEPGEIEPFLMNHPLIELTTVLAKEQADGRKYLVGYYVAPEEIPHG
ELREWLGNDLPDYMIPTYFVHMKAFPLTANGKVDRRALPDVQADA
;
_entity_poly.pdbx_strand_id   A
#
# COMPACT_ATOMS: atom_id res chain seq x y z
N MET A 1 -6.07 31.88 52.67
CA MET A 1 -4.92 32.55 51.98
C MET A 1 -5.36 33.04 50.59
N GLY A 2 -4.79 32.49 49.53
CA GLY A 2 -5.09 32.91 48.18
C GLY A 2 -6.05 31.95 47.49
N ARG A 3 -6.83 32.49 46.57
CA ARG A 3 -7.86 31.73 45.85
C ARG A 3 -7.31 31.30 44.50
N ILE A 4 -7.40 29.99 44.21
CA ILE A 4 -6.79 29.39 43.04
C ILE A 4 -7.88 28.86 42.12
N LEU A 5 -7.83 29.25 40.85
CA LEU A 5 -8.75 28.75 39.84
C LEU A 5 -8.08 27.60 39.08
N PHE A 6 -8.68 26.43 39.16
CA PHE A 6 -8.12 25.20 38.58
C PHE A 6 -8.93 24.83 37.35
N LEU A 7 -8.28 24.84 36.18
CA LEU A 7 -8.94 24.60 34.91
C LEU A 7 -8.58 23.22 34.40
N THR A 8 -9.60 22.42 34.11
CA THR A 8 -9.44 21.09 33.53
C THR A 8 -10.78 20.68 32.97
N THR A 9 -10.74 19.83 31.94
CA THR A 9 -11.93 19.16 31.46
C THR A 9 -11.85 17.66 31.61
N PHE A 10 -10.65 17.09 31.53
CA PHE A 10 -10.46 15.65 31.66
C PHE A 10 -10.23 15.22 33.11
N MET A 11 -9.57 16.06 33.91
CA MET A 11 -9.07 15.63 35.21
C MET A 11 -10.13 15.76 36.30
N SER A 12 -9.94 14.96 37.35
CA SER A 12 -10.91 14.87 38.44
C SER A 12 -10.80 16.06 39.38
N LYS A 13 -11.89 16.30 40.11
CA LYS A 13 -11.93 17.38 41.08
C LYS A 13 -11.19 17.04 42.36
N GLY A 14 -10.66 15.82 42.47
CA GLY A 14 -9.84 15.44 43.61
C GLY A 14 -8.44 14.99 43.21
N ASN A 15 -7.81 15.68 42.26
CA ASN A 15 -6.45 15.34 41.90
C ASN A 15 -5.50 15.54 43.07
N LYS A 16 -4.38 14.82 43.03
CA LYS A 16 -3.30 15.06 43.97
C LYS A 16 -2.90 16.52 43.98
N VAL A 17 -2.99 17.19 42.83
CA VAL A 17 -2.63 18.60 42.75
C VAL A 17 -3.61 19.44 43.56
N VAL A 18 -4.91 19.19 43.39
CA VAL A 18 -5.92 19.99 44.09
C VAL A 18 -5.80 19.79 45.59
N ARG A 19 -5.64 18.55 46.03
CA ARG A 19 -5.56 18.27 47.46
C ARG A 19 -4.34 18.95 48.08
N TYR A 20 -3.20 18.89 47.40
CA TYR A 20 -2.01 19.58 47.90
C TYR A 20 -2.28 21.07 48.07
N LEU A 21 -2.86 21.71 47.06
CA LEU A 21 -3.14 23.14 47.17
C LEU A 21 -4.10 23.42 48.30
N GLU A 22 -5.13 22.59 48.47
CA GLU A 22 -6.02 22.73 49.61
C GLU A 22 -5.29 22.46 50.92
N SER A 23 -4.35 21.50 50.93
CA SER A 23 -3.50 21.28 52.10
C SER A 23 -2.82 22.58 52.53
N LEU A 24 -2.44 23.42 51.57
CA LEU A 24 -1.79 24.69 51.88
C LEU A 24 -2.79 25.78 52.23
N HIS A 25 -4.08 25.43 52.39
CA HIS A 25 -5.12 26.37 52.81
C HIS A 25 -5.51 27.34 51.70
N HIS A 26 -5.36 26.93 50.45
CA HIS A 26 -5.90 27.64 49.31
C HIS A 26 -7.30 27.12 49.03
N GLU A 27 -8.23 28.03 48.71
CA GLU A 27 -9.54 27.62 48.21
C GLU A 27 -9.43 27.44 46.71
N VAL A 28 -9.74 26.24 46.23
CA VAL A 28 -9.53 25.86 44.84
C VAL A 28 -10.89 25.82 44.15
N VAL A 29 -11.16 26.79 43.29
CA VAL A 29 -12.33 26.77 42.44
C VAL A 29 -12.03 25.93 41.21
N ILE A 30 -12.89 24.96 40.93
CA ILE A 30 -12.72 24.07 39.78
C ILE A 30 -13.74 24.45 38.71
N CYS A 31 -13.24 24.61 37.49
CA CYS A 31 -14.05 25.02 36.35
C CYS A 31 -13.61 24.22 35.14
N GLN A 32 -14.58 23.70 34.40
CA GLN A 32 -14.30 22.81 33.28
C GLN A 32 -14.82 23.33 31.95
N GLU A 33 -15.40 24.53 31.92
CA GLU A 33 -15.93 25.11 30.70
C GLU A 33 -15.08 26.29 30.26
N LYS A 34 -15.26 26.72 29.02
CA LYS A 34 -14.68 27.98 28.59
C LYS A 34 -15.25 29.12 29.43
N VAL A 35 -14.44 30.16 29.63
CA VAL A 35 -14.85 31.30 30.43
C VAL A 35 -14.48 32.58 29.69
N HIS A 36 -15.17 33.65 30.05
CA HIS A 36 -14.94 34.98 29.52
C HIS A 36 -14.50 35.90 30.64
N ALA A 37 -14.20 37.15 30.28
CA ALA A 37 -13.71 38.10 31.26
C ALA A 37 -14.73 38.35 32.36
N GLN A 38 -16.02 38.38 32.01
CA GLN A 38 -17.07 38.68 32.98
C GLN A 38 -17.34 37.54 33.94
N SER A 39 -16.78 36.35 33.69
CA SER A 39 -17.08 35.19 34.49
C SER A 39 -16.91 35.45 35.98
N ALA A 40 -17.88 34.98 36.77
CA ALA A 40 -17.76 35.04 38.23
C ALA A 40 -16.70 34.08 38.76
N ASN A 41 -16.21 33.16 37.94
CA ASN A 41 -15.09 32.29 38.31
C ASN A 41 -13.75 33.01 38.27
N LEU A 42 -13.72 34.26 37.81
CA LEU A 42 -12.49 35.03 37.73
C LEU A 42 -12.41 36.11 38.81
N GLN A 43 -13.38 36.15 39.73
CA GLN A 43 -13.37 37.14 40.81
C GLN A 43 -12.41 36.70 41.91
N GLU A 44 -11.52 37.60 42.32
CA GLU A 44 -10.61 37.37 43.42
C GLU A 44 -9.82 36.07 43.23
N ILE A 45 -9.05 36.03 42.15
CA ILE A 45 -8.18 34.89 41.85
C ILE A 45 -6.75 35.36 41.85
N ASP A 46 -5.89 34.65 42.59
CA ASP A 46 -4.47 34.95 42.64
C ASP A 46 -3.67 34.14 41.63
N TRP A 47 -4.00 32.85 41.47
CA TRP A 47 -3.28 32.00 40.55
C TRP A 47 -4.27 31.17 39.75
N ILE A 48 -3.96 30.97 38.48
CA ILE A 48 -4.70 30.04 37.63
C ILE A 48 -3.76 28.88 37.33
N VAL A 49 -4.20 27.68 37.66
CA VAL A 49 -3.51 26.45 37.32
C VAL A 49 -4.40 25.68 36.37
N SER A 50 -3.85 25.26 35.24
CA SER A 50 -4.61 24.55 34.23
C SER A 50 -3.95 23.21 33.95
N TYR A 51 -4.79 22.20 33.73
CA TYR A 51 -4.36 20.81 33.59
C TYR A 51 -5.34 20.16 32.63
N ALA A 52 -4.93 19.96 31.38
CA ALA A 52 -5.79 19.36 30.37
C ALA A 52 -7.07 20.15 30.17
N TYR A 53 -6.98 21.48 30.30
CA TYR A 53 -8.07 22.37 29.92
C TYR A 53 -8.24 22.34 28.40
N GLY A 54 -9.48 22.13 27.95
CA GLY A 54 -9.74 21.89 26.54
C GLY A 54 -10.26 23.13 25.83
N TYR A 55 -9.87 24.30 26.31
CA TYR A 55 -10.26 25.56 25.69
C TYR A 55 -9.12 26.57 25.82
N ILE A 56 -9.06 27.50 24.88
CA ILE A 56 -8.09 28.58 24.95
C ILE A 56 -8.64 29.66 25.86
N LEU A 57 -7.75 30.55 26.29
CA LEU A 57 -8.11 31.70 27.11
C LEU A 57 -7.98 32.96 26.27
N ASP A 58 -9.03 33.76 26.26
CA ASP A 58 -9.01 35.01 25.51
C ASP A 58 -7.81 35.84 25.95
N LYS A 59 -7.25 36.60 25.01
CA LYS A 59 -6.11 37.45 25.33
C LYS A 59 -6.42 38.33 26.54
N GLU A 60 -7.64 38.86 26.59
CA GLU A 60 -8.08 39.66 27.72
C GLU A 60 -7.72 39.02 29.05
N ILE A 61 -7.93 37.71 29.16
CA ILE A 61 -7.74 37.03 30.45
C ILE A 61 -6.25 36.85 30.74
N VAL A 62 -5.50 36.36 29.75
CA VAL A 62 -4.07 36.09 29.97
C VAL A 62 -3.32 37.37 30.28
N SER A 63 -3.73 38.51 29.71
CA SER A 63 -3.08 39.77 30.02
C SER A 63 -3.36 40.19 31.46
N ARG A 64 -4.61 40.09 31.89
CA ARG A 64 -4.93 40.47 33.27
C ARG A 64 -4.24 39.57 34.29
N PHE A 65 -4.00 38.31 33.95
CA PHE A 65 -3.35 37.37 34.84
C PHE A 65 -1.92 37.06 34.39
N ARG A 66 -1.30 37.99 33.68
CA ARG A 66 0.06 37.78 33.18
C ARG A 66 0.98 37.39 34.33
N GLY A 67 1.89 36.46 34.06
CA GLY A 67 2.82 35.97 35.06
C GLY A 67 2.19 35.16 36.17
N ARG A 68 0.88 34.88 36.08
CA ARG A 68 0.17 34.17 37.13
C ARG A 68 -0.64 32.99 36.60
N ILE A 69 -0.44 32.60 35.34
CA ILE A 69 -1.16 31.48 34.75
C ILE A 69 -0.15 30.36 34.52
N ILE A 70 -0.37 29.23 35.18
CA ILE A 70 0.49 28.07 35.07
C ILE A 70 -0.29 26.98 34.34
N ASN A 71 0.43 26.20 33.53
CA ASN A 71 -0.17 25.07 32.83
C ASN A 71 0.65 23.82 33.08
N LEU A 72 -0.04 22.70 33.25
CA LEU A 72 0.57 21.40 33.42
C LEU A 72 0.36 20.62 32.12
N HIS A 73 1.45 20.39 31.40
CA HIS A 73 1.39 19.78 30.08
C HIS A 73 2.34 18.58 30.07
N PRO A 74 1.84 17.32 29.93
CA PRO A 74 2.73 16.14 30.02
C PRO A 74 3.43 15.82 28.69
N SER A 75 4.38 16.68 28.33
CA SER A 75 5.26 16.45 27.21
C SER A 75 6.53 17.23 27.45
N LEU A 76 7.60 16.84 26.76
CA LEU A 76 8.88 17.52 26.91
C LEU A 76 8.97 18.62 25.85
N LEU A 77 8.28 19.72 26.13
CA LEU A 77 8.17 20.81 25.17
C LEU A 77 9.55 21.25 24.71
N PRO A 78 9.66 21.69 23.45
CA PRO A 78 8.56 21.96 22.54
C PRO A 78 8.00 20.71 21.84
N TRP A 79 8.48 19.54 22.26
CA TRP A 79 7.98 18.30 21.68
C TRP A 79 6.57 18.00 22.16
N ASN A 80 5.69 17.68 21.22
CA ASN A 80 4.37 17.15 21.51
C ASN A 80 3.47 18.20 22.15
N LYS A 81 3.33 19.34 21.48
CA LYS A 81 2.39 20.34 21.95
C LYS A 81 0.99 19.97 21.47
N GLY A 82 0.00 20.58 22.10
CA GLY A 82 -1.38 20.38 21.69
C GLY A 82 -1.99 19.12 22.28
N ARG A 83 -2.84 18.45 21.51
CA ARG A 83 -3.69 17.41 22.04
C ARG A 83 -3.04 16.04 21.99
N ASP A 84 -3.44 15.18 22.92
CA ASP A 84 -2.93 13.82 23.01
C ASP A 84 -1.40 13.75 22.99
N PRO A 85 -0.73 14.59 23.79
CA PRO A 85 0.75 14.65 23.72
C PRO A 85 1.43 13.35 24.08
N VAL A 86 0.93 12.64 25.10
CA VAL A 86 1.57 11.39 25.52
C VAL A 86 1.57 10.41 24.35
N PHE A 87 0.45 10.31 23.64
CA PHE A 87 0.34 9.38 22.53
C PHE A 87 1.36 9.70 21.45
N TRP A 88 1.29 10.93 20.92
CA TRP A 88 2.19 11.33 19.85
C TRP A 88 3.64 11.20 20.27
N SER A 89 3.90 11.39 21.56
CA SER A 89 5.23 11.13 22.10
C SER A 89 5.70 9.73 21.74
N VAL A 90 4.82 8.74 21.89
CA VAL A 90 5.20 7.36 21.53
C VAL A 90 5.26 7.22 20.01
N TRP A 91 4.18 7.57 19.32
CA TRP A 91 4.09 7.33 17.89
C TRP A 91 5.24 8.00 17.15
N ASP A 92 5.38 9.32 17.32
CA ASP A 92 6.45 10.04 16.66
C ASP A 92 7.82 9.78 17.28
N GLU A 93 7.90 8.94 18.32
CA GLU A 93 9.17 8.59 18.95
C GLU A 93 10.00 9.84 19.29
N THR A 94 9.34 10.83 19.88
CA THR A 94 10.03 12.02 20.34
C THR A 94 10.61 11.76 21.73
N PRO A 95 11.41 12.70 22.24
CA PRO A 95 11.78 12.62 23.66
C PRO A 95 10.54 12.81 24.52
N LYS A 96 10.56 12.17 25.69
CA LYS A 96 9.39 12.10 26.54
C LYS A 96 9.67 12.75 27.88
N GLY A 97 8.75 13.61 28.32
CA GLY A 97 8.89 14.26 29.59
C GLY A 97 7.62 15.02 29.95
N VAL A 98 7.71 15.78 31.02
CA VAL A 98 6.60 16.57 31.54
C VAL A 98 7.11 17.99 31.77
N THR A 99 6.23 18.96 31.56
CA THR A 99 6.63 20.35 31.65
C THR A 99 5.54 21.19 32.30
N ILE A 100 5.96 22.08 33.17
CA ILE A 100 5.13 23.12 33.74
C ILE A 100 5.60 24.45 33.18
N HIS A 101 4.68 25.22 32.61
CA HIS A 101 5.08 26.42 31.89
C HIS A 101 4.03 27.50 32.04
N LEU A 102 4.47 28.75 31.86
CA LEU A 102 3.56 29.87 31.83
C LEU A 102 2.64 29.75 30.63
N ILE A 103 1.45 30.34 30.74
CA ILE A 103 0.50 30.33 29.64
C ILE A 103 0.65 31.62 28.85
N ASP A 104 0.99 31.47 27.58
CA ASP A 104 1.17 32.59 26.67
C ASP A 104 -0.13 32.80 25.88
N GLU A 105 -0.08 33.76 24.97
CA GLU A 105 -1.23 34.02 24.11
C GLU A 105 -1.48 32.84 23.17
N HIS A 106 -0.44 32.10 22.81
CA HIS A 106 -0.52 30.99 21.87
C HIS A 106 -0.34 29.66 22.60
N VAL A 107 -0.83 28.58 21.97
CA VAL A 107 -0.91 27.29 22.64
C VAL A 107 0.49 26.77 22.93
N ASP A 108 0.77 26.52 24.21
CA ASP A 108 1.99 25.87 24.67
C ASP A 108 3.24 26.63 24.23
N THR A 109 3.11 27.93 24.00
CA THR A 109 4.22 28.80 23.63
C THR A 109 4.77 29.59 24.82
N GLY A 110 4.28 29.35 26.02
CA GLY A 110 4.77 30.08 27.17
C GLY A 110 6.10 29.54 27.68
N ASP A 111 6.86 30.43 28.33
CA ASP A 111 8.18 30.06 28.80
C ASP A 111 8.08 28.98 29.86
N ILE A 112 9.09 28.11 29.87
CA ILE A 112 9.12 26.95 30.76
C ILE A 112 9.48 27.39 32.18
N LEU A 113 8.89 26.72 33.17
CA LEU A 113 9.27 26.87 34.56
C LEU A 113 10.09 25.69 35.05
N VAL A 114 9.55 24.47 34.95
CA VAL A 114 10.28 23.25 35.31
C VAL A 114 9.97 22.16 34.32
N GLN A 115 10.93 21.24 34.15
CA GLN A 115 10.88 20.22 33.11
C GLN A 115 11.55 18.96 33.63
N GLU A 116 11.00 17.80 33.30
CA GLU A 116 11.49 16.53 33.83
C GLU A 116 11.45 15.46 32.74
N GLU A 117 12.50 14.66 32.68
CA GLU A 117 12.57 13.56 31.73
C GLU A 117 11.87 12.33 32.31
N ILE A 118 11.03 11.68 31.49
CA ILE A 118 10.31 10.48 31.90
C ILE A 118 10.68 9.36 30.93
N ALA A 119 10.49 8.13 31.39
CA ALA A 119 10.82 6.94 30.61
C ALA A 119 9.63 6.01 30.57
N PHE A 120 9.41 5.40 29.41
CA PHE A 120 8.38 4.37 29.22
C PHE A 120 9.04 3.07 28.82
N ALA A 121 8.55 1.97 29.38
CA ALA A 121 9.07 0.65 29.06
C ALA A 121 8.34 0.10 27.84
N ASP A 122 9.05 -0.71 27.06
CA ASP A 122 8.45 -1.33 25.89
C ASP A 122 7.15 -2.03 26.23
N GLU A 123 7.02 -2.52 27.47
CA GLU A 123 5.87 -3.34 27.86
C GLU A 123 4.67 -2.54 28.35
N ASP A 124 4.85 -1.29 28.74
CA ASP A 124 3.72 -0.49 29.22
C ASP A 124 2.71 -0.25 28.10
N THR A 125 1.44 -0.20 28.47
CA THR A 125 0.39 0.14 27.52
C THR A 125 0.32 1.65 27.36
N LEU A 126 -0.35 2.10 26.29
CA LEU A 126 -0.48 3.53 26.07
C LEU A 126 -1.31 4.19 27.15
N LEU A 127 -2.18 3.45 27.82
CA LEU A 127 -2.87 3.98 28.98
C LEU A 127 -1.97 4.00 30.21
N ASP A 128 -1.05 3.03 30.31
CA ASP A 128 -0.03 3.08 31.35
C ASP A 128 0.80 4.35 31.23
N CYS A 129 1.24 4.65 29.99
CA CYS A 129 2.06 5.85 29.79
C CYS A 129 1.27 7.10 30.13
N TYR A 130 0.04 7.20 29.64
CA TYR A 130 -0.80 8.37 29.93
C TYR A 130 -0.88 8.63 31.43
N ASN A 131 -1.01 7.56 32.23
CA ASN A 131 -1.07 7.73 33.67
C ASN A 131 0.30 8.03 34.26
N LYS A 132 1.33 7.30 33.83
CA LYS A 132 2.67 7.50 34.38
C LYS A 132 3.13 8.95 34.19
N ALA A 133 2.72 9.58 33.09
CA ALA A 133 3.06 10.99 32.87
C ALA A 133 2.27 11.89 33.82
N ASN A 134 0.94 11.70 33.87
CA ASN A 134 0.13 12.47 34.82
C ASN A 134 0.61 12.26 36.25
N GLN A 135 1.08 11.05 36.57
CA GLN A 135 1.69 10.81 37.86
C GLN A 135 2.95 11.66 38.03
N ALA A 136 3.83 11.65 37.02
CA ALA A 136 5.09 12.34 37.11
C ALA A 136 4.90 13.85 37.23
N ILE A 137 3.96 14.42 36.46
CA ILE A 137 3.81 15.87 36.46
C ILE A 137 3.14 16.35 37.73
N GLU A 138 2.18 15.56 38.24
CA GLU A 138 1.52 15.95 39.49
C GLU A 138 2.52 15.98 40.64
N GLU A 139 3.36 14.94 40.75
CA GLU A 139 4.40 14.95 41.77
C GLU A 139 5.37 16.10 41.56
N LEU A 140 5.78 16.34 40.31
CA LEU A 140 6.67 17.47 40.04
C LEU A 140 6.04 18.79 40.50
N PHE A 141 4.75 18.98 40.19
CA PHE A 141 4.08 20.20 40.61
C PHE A 141 4.17 20.40 42.11
N ILE A 142 4.00 19.33 42.88
CA ILE A 142 4.03 19.44 44.33
C ILE A 142 5.44 19.81 44.81
N ARG A 143 6.46 19.23 44.18
CA ARG A 143 7.84 19.53 44.57
C ARG A 143 8.19 20.99 44.33
N GLU A 144 7.84 21.52 43.17
CA GLU A 144 8.32 22.83 42.74
C GLU A 144 7.29 23.94 42.96
N TRP A 145 6.09 23.62 43.47
CA TRP A 145 5.07 24.64 43.64
C TRP A 145 5.61 25.82 44.45
N GLU A 146 6.11 25.56 45.66
CA GLU A 146 6.62 26.63 46.49
C GLU A 146 7.61 27.50 45.73
N ASN A 147 8.53 26.87 44.99
CA ASN A 147 9.45 27.65 44.16
C ASN A 147 8.68 28.51 43.17
N ILE A 148 7.55 28.01 42.65
CA ILE A 148 6.77 28.74 41.65
C ILE A 148 6.03 29.92 42.29
N VAL A 149 5.45 29.71 43.48
CA VAL A 149 4.62 30.75 44.09
C VAL A 149 5.45 31.97 44.41
N HIS A 150 6.64 31.76 44.94
CA HIS A 150 7.50 32.85 45.35
C HIS A 150 8.20 33.51 44.18
N GLY A 151 7.98 33.01 42.96
CA GLY A 151 8.51 33.64 41.77
C GLY A 151 10.01 33.57 41.66
N ARG A 152 10.63 32.57 42.29
CA ARG A 152 12.08 32.47 42.31
C ARG A 152 12.64 31.63 41.18
N ILE A 153 11.79 31.13 40.27
CA ILE A 153 12.26 30.35 39.12
C ILE A 153 12.37 31.27 37.92
N ALA A 154 13.51 31.20 37.24
CA ALA A 154 13.81 31.96 36.03
C ALA A 154 13.18 31.28 34.82
N PRO A 155 12.05 31.77 34.30
CA PRO A 155 11.49 31.14 33.10
C PRO A 155 12.46 31.20 31.95
N TYR A 156 12.57 30.10 31.21
CA TYR A 156 13.40 30.05 30.02
C TYR A 156 12.55 29.72 28.81
N ARG A 157 12.89 30.33 27.67
CA ARG A 157 12.13 30.13 26.45
C ARG A 157 12.28 28.71 25.95
N GLN A 158 11.21 28.19 25.37
CA GLN A 158 11.25 26.84 24.83
C GLN A 158 12.21 26.77 23.65
N THR A 159 12.92 25.66 23.55
CA THR A 159 13.76 25.40 22.40
C THR A 159 12.97 25.57 21.11
N ALA A 160 13.65 26.03 20.07
CA ALA A 160 13.00 26.21 18.78
C ALA A 160 12.51 24.88 18.22
N GLY A 161 11.47 24.95 17.39
CA GLY A 161 10.95 23.76 16.75
C GLY A 161 9.95 23.03 17.63
N GLY A 162 9.70 21.78 17.26
CA GLY A 162 8.83 20.90 18.02
C GLY A 162 7.78 20.27 17.13
N THR A 163 6.96 19.45 17.76
CA THR A 163 5.81 18.84 17.11
C THR A 163 4.54 19.44 17.67
N LEU A 164 3.51 19.51 16.83
CA LEU A 164 2.20 20.00 17.26
C LEU A 164 1.14 19.08 16.68
N HIS A 165 0.14 18.75 17.49
CA HIS A 165 -0.93 17.86 17.08
C HIS A 165 -2.27 18.43 17.49
N PHE A 166 -3.29 18.11 16.71
CA PHE A 166 -4.63 18.65 16.88
C PHE A 166 -5.57 17.59 17.42
N LYS A 167 -6.75 18.07 17.81
CA LYS A 167 -7.76 17.21 18.41
C LYS A 167 -8.01 15.96 17.57
N ALA A 168 -8.15 16.13 16.27
CA ALA A 168 -8.62 15.07 15.38
C ALA A 168 -7.51 14.23 14.78
N ASP A 169 -6.24 14.58 15.02
CA ASP A 169 -5.14 13.81 14.45
C ASP A 169 -5.12 12.37 14.94
N ARG A 170 -5.80 12.08 16.05
CA ARG A 170 -5.81 10.73 16.60
C ARG A 170 -6.98 9.89 16.12
N ASP A 171 -7.92 10.48 15.37
CA ASP A 171 -9.09 9.74 14.94
C ASP A 171 -8.70 8.42 14.29
N PHE A 172 -7.77 8.47 13.33
CA PHE A 172 -7.31 7.27 12.67
C PHE A 172 -6.72 6.24 13.64
N TYR A 173 -6.43 6.65 14.88
CA TYR A 173 -5.70 5.82 15.83
C TYR A 173 -6.55 5.49 17.06
N LYS A 174 -7.87 5.60 16.95
CA LYS A 174 -8.74 5.51 18.13
C LYS A 174 -8.71 4.13 18.77
N ASN A 175 -8.44 3.07 18.00
CA ASN A 175 -8.48 1.71 18.51
C ASN A 175 -7.18 1.26 19.14
N LEU A 176 -6.23 2.17 19.37
CA LEU A 176 -4.88 1.81 19.79
C LEU A 176 -4.60 2.14 21.26
N ASN A 177 -5.63 2.52 22.02
CA ASN A 177 -5.40 3.00 23.39
C ASN A 177 -4.77 1.93 24.28
N MET A 178 -5.13 0.66 24.10
CA MET A 178 -4.67 -0.40 24.96
C MET A 178 -3.49 -1.15 24.38
N THR A 179 -2.84 -0.60 23.36
CA THR A 179 -1.70 -1.23 22.72
C THR A 179 -0.45 -1.00 23.55
N THR A 180 0.49 -1.94 23.44
CA THR A 180 1.77 -1.81 24.09
C THR A 180 2.69 -0.87 23.29
N VAL A 181 3.67 -0.28 23.98
CA VAL A 181 4.67 0.52 23.30
C VAL A 181 5.34 -0.29 22.20
N ARG A 182 5.83 -1.48 22.55
CA ARG A 182 6.42 -2.37 21.54
C ARG A 182 5.42 -2.64 20.41
N GLU A 183 4.22 -3.09 20.78
CA GLU A 183 3.22 -3.43 19.76
C GLU A 183 2.85 -2.21 18.92
N LEU A 184 2.92 -1.01 19.49
CA LEU A 184 2.52 0.19 18.77
C LEU A 184 3.58 0.62 17.77
N LEU A 185 4.86 0.50 18.14
CA LEU A 185 5.93 0.82 17.20
C LEU A 185 5.97 -0.20 16.07
N ALA A 186 5.69 -1.46 16.38
CA ALA A 186 5.59 -2.47 15.33
C ALA A 186 4.54 -2.08 14.31
N LEU A 187 3.38 -1.62 14.76
CA LEU A 187 2.33 -1.22 13.82
C LEU A 187 2.80 -0.06 12.96
N LYS A 188 3.46 0.93 13.56
CA LYS A 188 3.99 2.05 12.80
C LYS A 188 4.92 1.57 11.70
N ARG A 189 5.85 0.68 12.05
CA ARG A 189 6.83 0.21 11.08
C ARG A 189 6.18 -0.53 9.92
N LEU A 190 5.03 -1.14 10.15
CA LEU A 190 4.34 -1.88 9.09
C LEU A 190 3.44 -1.01 8.23
N CYS A 191 2.90 0.08 8.79
CA CYS A 191 1.81 0.80 8.14
C CYS A 191 2.05 2.29 8.01
N ALA A 192 3.18 2.81 8.48
CA ALA A 192 3.42 4.24 8.40
C ALA A 192 3.76 4.65 6.97
N GLU A 193 3.36 5.87 6.61
CA GLU A 193 3.59 6.45 5.30
C GLU A 193 5.01 6.20 4.80
N PRO A 194 5.25 6.29 3.50
CA PRO A 194 6.61 6.04 3.00
C PRO A 194 7.57 7.13 3.40
N LYS A 195 8.82 6.74 3.58
CA LYS A 195 9.87 7.66 3.99
C LYS A 195 10.29 8.54 2.81
N ARG A 196 10.75 9.75 3.13
CA ARG A 196 11.06 10.73 2.10
C ARG A 196 12.23 10.26 1.24
N GLY A 197 12.36 10.89 0.06
CA GLY A 197 13.44 10.63 -0.86
C GLY A 197 13.03 9.90 -2.12
N GLU A 198 11.83 9.32 -2.16
CA GLU A 198 11.42 8.51 -3.30
C GLU A 198 10.87 9.39 -4.42
N LYS A 199 11.05 8.93 -5.66
CA LYS A 199 10.64 9.63 -6.86
C LYS A 199 9.63 8.80 -7.63
N PRO A 200 8.72 9.43 -8.38
CA PRO A 200 7.78 8.65 -9.20
C PRO A 200 8.51 7.75 -10.19
N ILE A 201 7.81 6.70 -10.61
CA ILE A 201 8.33 5.79 -11.62
C ILE A 201 8.32 6.51 -12.97
N ASP A 202 9.47 6.49 -13.65
CA ASP A 202 9.67 7.31 -14.85
C ASP A 202 9.88 6.48 -16.10
N LYS A 203 9.41 5.24 -16.14
CA LYS A 203 9.62 4.39 -17.30
C LYS A 203 8.35 3.61 -17.62
N THR A 204 8.16 3.34 -18.91
CA THR A 204 7.10 2.46 -19.40
C THR A 204 7.68 1.08 -19.63
N PHE A 205 6.80 0.07 -19.76
CA PHE A 205 7.29 -1.29 -19.91
C PHE A 205 8.11 -1.45 -21.19
N HIS A 206 7.59 -0.95 -22.31
CA HIS A 206 8.33 -1.14 -23.57
C HIS A 206 9.63 -0.35 -23.58
N GLN A 207 9.71 0.77 -22.85
CA GLN A 207 11.01 1.39 -22.63
C GLN A 207 11.99 0.40 -22.03
N LEU A 208 11.62 -0.21 -20.90
CA LEU A 208 12.54 -1.13 -20.23
C LEU A 208 12.78 -2.37 -21.07
N PHE A 209 11.80 -2.79 -21.85
CA PHE A 209 12.00 -3.97 -22.69
C PHE A 209 13.02 -3.69 -23.78
N GLU A 210 12.81 -2.60 -24.54
CA GLU A 210 13.80 -2.21 -25.54
C GLU A 210 15.18 -2.05 -24.91
N GLN A 211 15.23 -1.55 -23.68
CA GLN A 211 16.48 -1.52 -22.92
C GLN A 211 17.08 -2.91 -22.80
N GLN A 212 16.26 -3.90 -22.43
CA GLN A 212 16.76 -5.26 -22.22
C GLN A 212 17.17 -5.92 -23.53
N VAL A 213 16.53 -5.55 -24.64
CA VAL A 213 16.89 -6.12 -25.93
C VAL A 213 18.35 -5.80 -26.25
N GLU A 214 18.74 -4.54 -26.03
CA GLU A 214 20.11 -4.14 -26.33
C GLU A 214 21.13 -4.77 -25.40
N MET A 215 20.72 -5.25 -24.23
CA MET A 215 21.65 -5.91 -23.33
C MET A 215 21.80 -7.40 -23.65
N THR A 216 20.70 -8.09 -23.96
CA THR A 216 20.73 -9.52 -24.30
C THR A 216 19.97 -9.73 -25.61
N PRO A 217 20.47 -9.18 -26.72
CA PRO A 217 19.70 -9.24 -27.97
C PRO A 217 19.59 -10.63 -28.56
N ASP A 218 20.67 -11.42 -28.50
CA ASP A 218 20.68 -12.74 -29.11
C ASP A 218 20.22 -13.83 -28.15
N HIS A 219 19.86 -13.48 -26.93
CA HIS A 219 19.29 -14.45 -25.99
C HIS A 219 17.87 -14.81 -26.41
N VAL A 220 17.45 -16.02 -26.05
CA VAL A 220 16.11 -16.49 -26.39
C VAL A 220 15.09 -15.73 -25.56
N ALA A 221 14.06 -15.21 -26.21
CA ALA A 221 12.98 -14.51 -25.54
C ALA A 221 11.77 -15.40 -25.31
N VAL A 222 11.26 -16.04 -26.36
CA VAL A 222 10.02 -16.82 -26.27
C VAL A 222 10.14 -18.04 -27.18
N VAL A 223 9.66 -19.17 -26.68
CA VAL A 223 9.73 -20.45 -27.36
C VAL A 223 8.34 -21.04 -27.42
N ASP A 224 7.98 -21.63 -28.57
CA ASP A 224 6.69 -22.30 -28.73
C ASP A 224 6.94 -23.56 -29.56
N ARG A 225 7.08 -24.69 -28.87
CA ARG A 225 7.41 -25.96 -29.52
C ARG A 225 8.84 -25.88 -30.04
N GLY A 226 9.05 -26.00 -31.35
CA GLY A 226 10.39 -25.96 -31.89
C GLY A 226 10.82 -24.59 -32.37
N GLN A 227 9.86 -23.67 -32.49
CA GLN A 227 10.14 -22.33 -33.00
C GLN A 227 10.48 -21.39 -31.85
N SER A 228 11.33 -20.40 -32.13
CA SER A 228 11.81 -19.51 -31.10
C SER A 228 12.17 -18.16 -31.70
N LEU A 229 12.15 -17.14 -30.84
CA LEU A 229 12.55 -15.79 -31.20
C LEU A 229 13.49 -15.25 -30.13
N THR A 230 14.60 -14.66 -30.58
CA THR A 230 15.48 -13.96 -29.66
C THR A 230 14.86 -12.61 -29.31
N TYR A 231 15.40 -11.98 -28.25
CA TYR A 231 14.96 -10.64 -27.90
C TYR A 231 15.04 -9.70 -29.09
N LYS A 232 16.14 -9.79 -29.85
CA LYS A 232 16.28 -8.97 -31.05
C LYS A 232 15.19 -9.31 -32.06
N GLN A 233 15.08 -10.59 -32.42
CA GLN A 233 14.04 -11.02 -33.35
C GLN A 233 12.65 -10.59 -32.87
N LEU A 234 12.36 -10.83 -31.60
CA LEU A 234 11.05 -10.47 -31.05
C LEU A 234 10.82 -8.96 -31.13
N ASN A 235 11.83 -8.17 -30.75
CA ASN A 235 11.66 -6.73 -30.72
C ASN A 235 11.40 -6.16 -32.11
N GLU A 236 12.13 -6.65 -33.12
CA GLU A 236 12.00 -6.10 -34.47
C GLU A 236 10.62 -6.39 -35.06
N ARG A 237 10.13 -7.62 -34.90
CA ARG A 237 8.82 -7.96 -35.46
C ARG A 237 7.71 -7.17 -34.79
N ALA A 238 7.75 -7.05 -33.46
CA ALA A 238 6.78 -6.21 -32.76
C ALA A 238 6.82 -4.77 -33.27
N ASN A 239 8.02 -4.26 -33.54
CA ASN A 239 8.15 -2.91 -34.09
C ASN A 239 7.42 -2.78 -35.41
N GLN A 240 7.65 -3.74 -36.31
CA GLN A 240 6.98 -3.71 -37.61
C GLN A 240 5.46 -3.66 -37.45
N LEU A 241 4.92 -4.47 -36.55
CA LEU A 241 3.48 -4.43 -36.30
C LEU A 241 3.08 -3.13 -35.63
N ALA A 242 3.93 -2.62 -34.74
CA ALA A 242 3.61 -1.38 -34.03
C ALA A 242 3.56 -0.20 -34.98
N HIS A 243 4.51 -0.11 -35.91
CA HIS A 243 4.45 0.93 -36.93
C HIS A 243 3.12 0.89 -37.66
N HIS A 244 2.70 -0.30 -38.07
CA HIS A 244 1.41 -0.44 -38.74
C HIS A 244 0.28 0.05 -37.85
N LEU A 245 0.31 -0.32 -36.57
CA LEU A 245 -0.77 0.06 -35.66
C LEU A 245 -0.83 1.56 -35.45
N ARG A 246 0.31 2.20 -35.20
CA ARG A 246 0.30 3.65 -35.02
C ARG A 246 -0.13 4.34 -36.30
N GLY A 247 0.15 3.74 -37.45
CA GLY A 247 -0.38 4.26 -38.70
C GLY A 247 -1.90 4.23 -38.74
N LYS A 248 -2.51 3.15 -38.24
CA LYS A 248 -3.96 3.06 -38.18
C LYS A 248 -4.58 4.04 -37.18
N GLY A 249 -3.76 4.78 -36.43
CA GLY A 249 -4.26 5.79 -35.52
C GLY A 249 -4.30 5.39 -34.05
N VAL A 250 -3.59 4.34 -33.66
CA VAL A 250 -3.48 4.02 -32.24
C VAL A 250 -2.74 5.14 -31.53
N LYS A 251 -3.22 5.50 -30.35
CA LYS A 251 -2.68 6.63 -29.60
C LYS A 251 -2.77 6.29 -28.11
N PRO A 252 -1.97 6.95 -27.27
CA PRO A 252 -1.97 6.61 -25.85
C PRO A 252 -3.38 6.62 -25.27
N ASP A 253 -3.63 5.65 -24.40
CA ASP A 253 -4.91 5.38 -23.74
C ASP A 253 -5.95 4.75 -24.68
N ASP A 254 -5.62 4.51 -25.94
CA ASP A 254 -6.53 3.77 -26.82
C ASP A 254 -6.48 2.30 -26.49
N GLN A 255 -7.57 1.61 -26.81
CA GLN A 255 -7.68 0.17 -26.57
C GLN A 255 -7.57 -0.58 -27.89
N VAL A 256 -6.79 -1.66 -27.85
CA VAL A 256 -6.61 -2.55 -29.00
C VAL A 256 -6.85 -3.96 -28.51
N ALA A 257 -7.85 -4.62 -29.07
CA ALA A 257 -8.20 -5.96 -28.64
C ALA A 257 -7.34 -7.00 -29.35
N ILE A 258 -6.99 -8.06 -28.62
CA ILE A 258 -6.18 -9.15 -29.14
C ILE A 258 -6.94 -10.43 -28.87
N MET A 259 -7.24 -11.19 -29.93
CA MET A 259 -8.00 -12.43 -29.81
C MET A 259 -7.18 -13.54 -30.46
N LEU A 260 -6.44 -14.28 -29.65
CA LEU A 260 -5.52 -15.28 -30.18
C LEU A 260 -5.24 -16.33 -29.12
N ASP A 261 -4.73 -17.46 -29.58
CA ASP A 261 -4.27 -18.53 -28.70
C ASP A 261 -2.82 -18.28 -28.33
N LYS A 262 -2.39 -18.90 -27.23
CA LYS A 262 -1.00 -18.80 -26.83
C LYS A 262 -0.09 -19.20 -27.97
N SER A 263 0.75 -18.26 -28.40
CA SER A 263 1.60 -18.44 -29.57
C SER A 263 2.58 -17.29 -29.62
N LEU A 264 3.66 -17.50 -30.37
CA LEU A 264 4.60 -16.41 -30.63
C LEU A 264 3.86 -15.18 -31.13
N ASP A 265 2.86 -15.36 -31.99
CA ASP A 265 2.10 -14.21 -32.50
C ASP A 265 1.48 -13.40 -31.37
N MET A 266 1.11 -14.06 -30.27
CA MET A 266 0.49 -13.34 -29.15
C MET A 266 1.48 -12.37 -28.51
N ILE A 267 2.70 -12.83 -28.25
CA ILE A 267 3.69 -11.96 -27.62
C ILE A 267 4.02 -10.78 -28.53
N VAL A 268 4.19 -11.04 -29.82
CA VAL A 268 4.42 -9.97 -30.78
C VAL A 268 3.29 -8.96 -30.73
N SER A 269 2.05 -9.44 -30.68
CA SER A 269 0.90 -8.54 -30.69
C SER A 269 0.86 -7.69 -29.43
N ILE A 270 1.11 -8.30 -28.27
CA ILE A 270 1.10 -7.56 -27.01
C ILE A 270 2.11 -6.42 -27.08
N LEU A 271 3.38 -6.76 -27.31
CA LEU A 271 4.42 -5.73 -27.36
C LEU A 271 4.13 -4.71 -28.45
N ALA A 272 3.62 -5.16 -29.60
CA ALA A 272 3.31 -4.23 -30.68
C ALA A 272 2.27 -3.20 -30.25
N VAL A 273 1.29 -3.61 -29.44
CA VAL A 273 0.28 -2.67 -28.97
C VAL A 273 0.92 -1.61 -28.07
N MET A 274 1.72 -2.03 -27.09
CA MET A 274 2.41 -1.08 -26.23
C MET A 274 3.24 -0.12 -27.08
N LYS A 275 4.15 -0.68 -27.89
CA LYS A 275 5.08 0.15 -28.64
C LYS A 275 4.35 1.13 -29.53
N ALA A 276 3.19 0.75 -30.06
CA ALA A 276 2.37 1.68 -30.81
C ALA A 276 1.87 2.81 -29.93
N GLY A 277 1.55 2.51 -28.66
CA GLY A 277 1.16 3.52 -27.71
C GLY A 277 -0.06 3.14 -26.89
N GLY A 278 -0.80 2.12 -27.34
CA GLY A 278 -2.05 1.76 -26.72
C GLY A 278 -1.91 0.66 -25.68
N ALA A 279 -3.06 0.24 -25.17
CA ALA A 279 -3.16 -0.84 -24.19
C ALA A 279 -3.97 -1.97 -24.79
N TYR A 280 -3.56 -3.20 -24.50
CA TYR A 280 -4.18 -4.37 -25.12
C TYR A 280 -5.27 -4.94 -24.21
N VAL A 281 -6.33 -5.42 -24.83
CA VAL A 281 -7.44 -6.08 -24.14
C VAL A 281 -7.42 -7.56 -24.51
N PRO A 282 -6.96 -8.44 -23.63
CA PRO A 282 -6.88 -9.87 -24.00
C PRO A 282 -8.25 -10.51 -24.00
N ILE A 283 -8.53 -11.28 -25.06
CA ILE A 283 -9.79 -12.02 -25.19
C ILE A 283 -9.47 -13.47 -25.51
N ASP A 284 -9.66 -14.35 -24.53
CA ASP A 284 -9.61 -15.78 -24.81
C ASP A 284 -10.71 -16.12 -25.80
N PRO A 285 -10.40 -16.76 -26.93
CA PRO A 285 -11.46 -17.04 -27.92
C PRO A 285 -12.36 -18.21 -27.56
N ASP A 286 -12.06 -18.95 -26.49
CA ASP A 286 -12.94 -19.98 -25.98
C ASP A 286 -14.10 -19.41 -25.16
N TYR A 287 -14.13 -18.11 -24.91
CA TYR A 287 -15.23 -17.52 -24.18
C TYR A 287 -16.52 -17.64 -25.01
N PRO A 288 -17.67 -17.75 -24.35
CA PRO A 288 -18.94 -17.72 -25.09
C PRO A 288 -19.05 -16.46 -25.93
N GLY A 289 -19.57 -16.61 -27.14
CA GLY A 289 -19.73 -15.48 -28.04
C GLY A 289 -20.49 -14.32 -27.41
N GLU A 290 -21.28 -14.61 -26.37
CA GLU A 290 -21.93 -13.55 -25.62
C GLU A 290 -20.89 -12.66 -24.95
N ARG A 291 -20.04 -13.25 -24.11
CA ARG A 291 -18.99 -12.48 -23.43
C ARG A 291 -18.15 -11.70 -24.42
N ILE A 292 -17.66 -12.37 -25.46
CA ILE A 292 -16.80 -11.72 -26.46
C ILE A 292 -17.48 -10.48 -27.02
N ALA A 293 -18.75 -10.60 -27.40
CA ALA A 293 -19.46 -9.46 -27.96
C ALA A 293 -19.49 -8.30 -26.97
N TYR A 294 -19.71 -8.60 -25.69
CA TYR A 294 -19.73 -7.55 -24.67
C TYR A 294 -18.35 -6.92 -24.50
N MET A 295 -17.32 -7.74 -24.29
CA MET A 295 -15.98 -7.23 -24.10
C MET A 295 -15.58 -6.24 -25.19
N LEU A 296 -15.97 -6.53 -26.43
CA LEU A 296 -15.68 -5.62 -27.54
C LEU A 296 -16.57 -4.38 -27.54
N ALA A 297 -17.76 -4.45 -26.95
CA ALA A 297 -18.65 -3.30 -26.91
C ALA A 297 -18.26 -2.36 -25.77
N ASP A 298 -18.21 -2.88 -24.55
CA ASP A 298 -17.75 -2.10 -23.41
C ASP A 298 -16.41 -1.45 -23.73
N SER A 299 -15.41 -2.25 -24.09
CA SER A 299 -14.16 -1.71 -24.60
C SER A 299 -14.43 -0.81 -25.81
N SER A 300 -13.76 0.34 -25.84
CA SER A 300 -13.84 1.25 -26.96
C SER A 300 -12.93 0.84 -28.12
N ALA A 301 -12.43 -0.39 -28.10
CA ALA A 301 -11.44 -0.82 -29.09
C ALA A 301 -11.99 -0.68 -30.50
N ALA A 302 -11.21 0.01 -31.35
CA ALA A 302 -11.53 0.11 -32.77
C ALA A 302 -10.73 -0.87 -33.62
N ILE A 303 -9.62 -1.38 -33.10
CA ILE A 303 -8.76 -2.33 -33.81
C ILE A 303 -8.80 -3.67 -33.09
N LEU A 304 -8.67 -4.75 -33.85
CA LEU A 304 -8.66 -6.10 -33.29
C LEU A 304 -7.57 -6.89 -33.99
N LEU A 305 -6.62 -7.41 -33.21
CA LEU A 305 -5.58 -8.28 -33.72
C LEU A 305 -6.03 -9.72 -33.52
N THR A 306 -6.07 -10.50 -34.59
CA THR A 306 -6.60 -11.85 -34.47
C THR A 306 -6.19 -12.68 -35.69
N ASN A 307 -6.66 -13.93 -35.69
CA ASN A 307 -6.38 -14.92 -36.72
C ASN A 307 -7.47 -14.88 -37.79
N ALA A 308 -7.18 -15.53 -38.93
CA ALA A 308 -8.25 -15.88 -39.85
C ALA A 308 -9.20 -16.88 -39.20
N LEU A 309 -8.70 -17.70 -38.27
CA LEU A 309 -9.52 -18.72 -37.63
C LEU A 309 -10.53 -18.11 -36.68
N HIS A 310 -10.12 -17.20 -35.81
CA HIS A 310 -11.00 -16.57 -34.83
C HIS A 310 -11.62 -15.27 -35.33
N GLU A 311 -11.26 -14.84 -36.54
CA GLU A 311 -11.84 -13.64 -37.14
C GLU A 311 -13.34 -13.53 -36.92
N GLU A 312 -14.07 -14.62 -37.14
CA GLU A 312 -15.53 -14.58 -37.20
C GLU A 312 -16.19 -14.47 -35.83
N LYS A 313 -15.50 -14.81 -34.75
CA LYS A 313 -16.10 -14.70 -33.41
C LYS A 313 -16.37 -13.25 -33.01
N ALA A 314 -15.92 -12.27 -33.78
CA ALA A 314 -16.18 -10.87 -33.49
C ALA A 314 -17.39 -10.32 -34.22
N ASN A 315 -17.87 -11.01 -35.26
CA ASN A 315 -19.05 -10.60 -35.99
C ASN A 315 -18.90 -9.17 -36.53
N GLY A 316 -17.77 -8.91 -37.17
CA GLY A 316 -17.54 -7.64 -37.82
C GLY A 316 -17.65 -6.44 -36.90
N ALA A 317 -17.38 -6.64 -35.60
CA ALA A 317 -17.55 -5.56 -34.63
C ALA A 317 -16.60 -4.40 -34.88
N CYS A 318 -15.42 -4.67 -35.46
CA CYS A 318 -14.39 -3.64 -35.57
C CYS A 318 -13.44 -3.99 -36.70
N ASP A 319 -12.57 -3.03 -37.03
CA ASP A 319 -11.53 -3.26 -38.02
C ASP A 319 -10.60 -4.36 -37.54
N ILE A 320 -10.30 -5.30 -38.43
CA ILE A 320 -9.49 -6.46 -38.10
C ILE A 320 -8.13 -6.32 -38.74
N ILE A 321 -7.10 -6.77 -38.02
CA ILE A 321 -5.74 -6.83 -38.51
C ILE A 321 -5.31 -8.28 -38.40
N ASP A 322 -5.02 -8.90 -39.53
CA ASP A 322 -4.59 -10.29 -39.55
C ASP A 322 -3.11 -10.33 -39.20
N VAL A 323 -2.77 -11.02 -38.10
CA VAL A 323 -1.38 -11.17 -37.71
C VAL A 323 -0.61 -12.04 -38.68
N HIS A 324 -1.30 -12.76 -39.56
CA HIS A 324 -0.66 -13.58 -40.58
C HIS A 324 -0.60 -12.93 -41.94
N ASP A 325 -1.17 -11.72 -42.10
CA ASP A 325 -1.07 -10.99 -43.34
C ASP A 325 0.22 -10.18 -43.32
N PRO A 326 1.20 -10.49 -44.18
CA PRO A 326 2.44 -9.68 -44.20
C PRO A 326 2.21 -8.20 -44.43
N ASP A 327 1.02 -7.80 -44.90
CA ASP A 327 0.73 -6.37 -45.07
C ASP A 327 0.44 -5.69 -43.74
N SER A 328 0.08 -6.46 -42.71
CA SER A 328 -0.05 -5.95 -41.36
C SER A 328 1.29 -5.58 -40.73
N TYR A 329 2.40 -5.93 -41.38
CA TYR A 329 3.73 -5.67 -40.86
C TYR A 329 4.44 -4.65 -41.75
N SER A 330 4.95 -3.60 -41.13
CA SER A 330 5.69 -2.58 -41.84
C SER A 330 7.12 -3.04 -42.07
N GLU A 331 7.80 -2.39 -43.01
CA GLU A 331 9.19 -2.72 -43.27
C GLU A 331 10.10 -2.26 -42.13
N ASN A 332 9.71 -1.19 -41.45
CA ASN A 332 10.57 -0.56 -40.46
C ASN A 332 10.68 -1.40 -39.20
N THR A 333 11.92 -1.73 -38.82
CA THR A 333 12.19 -2.53 -37.63
C THR A 333 12.69 -1.70 -36.47
N ASN A 334 12.80 -0.38 -36.62
CA ASN A 334 13.32 0.46 -35.56
C ASN A 334 12.29 0.65 -34.46
N ASN A 335 12.80 0.83 -33.24
CA ASN A 335 11.92 1.21 -32.14
C ASN A 335 11.20 2.50 -32.48
N LEU A 336 9.95 2.58 -32.11
CA LEU A 336 9.17 3.77 -32.41
C LEU A 336 9.58 4.91 -31.49
N PRO A 337 9.40 6.15 -31.93
CA PRO A 337 9.55 7.28 -31.00
C PRO A 337 8.58 7.11 -29.85
N HIS A 338 9.06 7.38 -28.64
CA HIS A 338 8.24 7.18 -27.46
C HIS A 338 7.23 8.32 -27.35
N VAL A 339 6.00 7.96 -26.98
CA VAL A 339 4.92 8.94 -26.84
C VAL A 339 4.09 8.62 -25.62
N ASN A 340 4.59 7.72 -24.78
CA ASN A 340 3.86 7.26 -23.60
C ASN A 340 4.46 7.85 -22.33
N ARG A 341 3.60 8.00 -21.33
CA ARG A 341 3.98 8.31 -19.97
C ARG A 341 3.66 7.11 -19.08
N PRO A 342 4.22 7.03 -17.88
CA PRO A 342 3.87 5.91 -16.98
C PRO A 342 2.41 5.89 -16.54
N ASP A 343 1.67 6.99 -16.68
CA ASP A 343 0.27 7.02 -16.26
C ASP A 343 -0.69 6.61 -17.37
N ASP A 344 -0.18 6.24 -18.54
CA ASP A 344 -1.02 5.74 -19.62
C ASP A 344 -1.41 4.28 -19.36
N LEU A 345 -2.52 3.87 -19.96
CA LEU A 345 -2.97 2.49 -19.81
C LEU A 345 -2.00 1.53 -20.50
N VAL A 346 -1.81 0.37 -19.88
CA VAL A 346 -0.98 -0.69 -20.46
C VAL A 346 -1.82 -1.90 -20.84
N TYR A 347 -2.85 -2.23 -20.05
CA TYR A 347 -3.73 -3.33 -20.43
C TYR A 347 -5.03 -3.19 -19.67
N VAL A 348 -6.08 -3.80 -20.22
CA VAL A 348 -7.41 -3.81 -19.61
C VAL A 348 -7.88 -5.25 -19.55
N MET A 349 -8.12 -5.74 -18.35
CA MET A 349 -8.60 -7.10 -18.13
C MET A 349 -9.93 -7.06 -17.39
N TYR A 350 -10.72 -8.09 -17.60
CA TYR A 350 -12.07 -8.18 -17.06
C TYR A 350 -12.09 -9.20 -15.93
N THR A 351 -12.76 -8.85 -14.83
CA THR A 351 -12.94 -9.79 -13.73
C THR A 351 -14.10 -10.75 -14.03
N SER A 352 -14.26 -11.74 -13.17
CA SER A 352 -15.33 -12.71 -13.28
C SER A 352 -16.69 -12.06 -13.07
N ALA A 358 -19.27 -8.47 -16.75
CA ALA A 358 -18.33 -8.10 -15.71
C ALA A 358 -17.64 -6.76 -16.05
N LYS A 359 -16.62 -6.41 -15.27
CA LYS A 359 -16.07 -5.08 -15.23
C LYS A 359 -14.69 -5.03 -15.89
N GLY A 360 -14.40 -3.91 -16.56
CA GLY A 360 -13.10 -3.70 -17.17
C GLY A 360 -12.08 -3.04 -16.26
N VAL A 361 -11.16 -3.82 -15.70
CA VAL A 361 -10.11 -3.26 -14.86
C VAL A 361 -9.07 -2.56 -15.73
N MET A 362 -8.68 -1.36 -15.33
CA MET A 362 -7.70 -0.56 -16.04
C MET A 362 -6.38 -0.55 -15.30
N ILE A 363 -5.31 -0.94 -15.99
CA ILE A 363 -3.96 -0.94 -15.43
C ILE A 363 -3.08 0.01 -16.24
N GLU A 364 -2.23 0.74 -15.54
CA GLU A 364 -1.33 1.72 -16.14
C GLU A 364 0.10 1.19 -16.14
N HIS A 365 0.94 1.78 -16.98
CA HIS A 365 2.32 1.31 -17.12
C HIS A 365 3.05 1.30 -15.78
N HIS A 366 2.90 2.37 -14.98
CA HIS A 366 3.63 2.42 -13.72
C HIS A 366 3.21 1.28 -12.80
N ASN A 367 1.92 0.93 -12.81
CA ASN A 367 1.48 -0.26 -12.09
C ASN A 367 2.29 -1.48 -12.50
N LEU A 368 2.43 -1.71 -13.81
CA LEU A 368 3.10 -2.90 -14.29
C LEU A 368 4.60 -2.83 -14.06
N VAL A 369 5.20 -1.66 -14.26
CA VAL A 369 6.65 -1.52 -14.07
C VAL A 369 7.02 -1.86 -12.64
N ASN A 370 6.27 -1.33 -11.67
CA ASN A 370 6.59 -1.58 -10.27
C ASN A 370 6.62 -3.06 -9.97
N PHE A 371 5.69 -3.83 -10.52
CA PHE A 371 5.64 -5.25 -10.20
C PHE A 371 6.84 -5.99 -10.75
N CYS A 372 7.22 -5.71 -12.00
CA CYS A 372 8.36 -6.40 -12.58
C CYS A 372 9.65 -6.02 -11.88
N GLU A 373 9.81 -4.74 -11.55
CA GLU A 373 11.04 -4.30 -10.91
C GLU A 373 11.19 -4.86 -9.51
N TRP A 374 10.07 -5.22 -8.86
CA TRP A 374 10.13 -5.95 -7.60
C TRP A 374 10.37 -7.43 -7.82
N TYR A 375 9.82 -7.98 -8.90
CA TYR A 375 9.87 -9.43 -9.15
C TYR A 375 11.29 -9.90 -9.45
N ARG A 376 11.98 -9.22 -10.38
CA ARG A 376 13.32 -9.65 -10.78
C ARG A 376 14.22 -9.81 -9.56
N PRO A 377 14.45 -8.74 -8.80
CA PRO A 377 15.40 -8.85 -7.67
C PRO A 377 14.93 -9.78 -6.58
N TYR A 378 13.62 -9.85 -6.32
CA TYR A 378 13.10 -10.71 -5.27
C TYR A 378 13.43 -12.18 -5.54
N PHE A 379 13.11 -12.66 -6.74
CA PHE A 379 13.34 -14.05 -7.08
C PHE A 379 14.70 -14.26 -7.75
N GLY A 380 15.55 -13.24 -7.76
CA GLY A 380 16.88 -13.36 -8.35
C GLY A 380 16.83 -13.94 -9.74
N VAL A 381 15.98 -13.38 -10.59
CA VAL A 381 15.85 -13.87 -11.95
C VAL A 381 17.03 -13.38 -12.77
N THR A 382 17.54 -14.25 -13.63
CA THR A 382 18.65 -13.95 -14.53
C THR A 382 18.32 -14.49 -15.91
N PRO A 383 19.08 -14.09 -16.93
CA PRO A 383 18.86 -14.66 -18.26
C PRO A 383 19.01 -16.18 -18.32
N ALA A 384 19.62 -16.79 -17.30
CA ALA A 384 19.70 -18.24 -17.23
C ALA A 384 18.36 -18.88 -16.90
N ASP A 385 17.37 -18.09 -16.49
CA ASP A 385 16.08 -18.62 -16.09
C ASP A 385 15.20 -18.93 -17.30
N LYS A 386 14.30 -19.90 -17.12
CA LYS A 386 13.30 -20.25 -18.11
C LYS A 386 11.96 -20.37 -17.40
N ALA A 387 10.95 -19.67 -17.92
CA ALA A 387 9.64 -19.62 -17.29
C ALA A 387 8.56 -19.99 -18.30
N LEU A 388 7.40 -20.36 -17.79
CA LEU A 388 6.28 -20.79 -18.62
C LEU A 388 5.23 -19.69 -18.73
N VAL A 389 4.60 -19.61 -19.90
CA VAL A 389 3.39 -18.83 -20.10
C VAL A 389 2.24 -19.83 -19.93
N TYR A 390 1.66 -19.88 -18.73
CA TYR A 390 0.67 -20.90 -18.39
C TYR A 390 -0.73 -20.33 -18.28
N SER A 391 -0.93 -19.33 -17.42
CA SER A 391 -2.27 -18.79 -17.20
C SER A 391 -2.90 -18.36 -18.51
N SER A 392 -4.23 -18.40 -18.55
CA SER A 392 -4.94 -17.80 -19.67
C SER A 392 -4.44 -16.38 -19.88
N PHE A 393 -4.40 -15.95 -21.13
CA PHE A 393 -3.88 -14.61 -21.41
C PHE A 393 -4.91 -13.53 -21.11
N SER A 394 -6.08 -13.90 -20.58
CA SER A 394 -7.10 -12.97 -20.15
C SER A 394 -7.08 -12.69 -18.64
N PHE A 395 -6.19 -13.33 -17.89
CA PHE A 395 -6.05 -13.10 -16.46
C PHE A 395 -4.74 -12.36 -16.18
N ASP A 396 -4.70 -11.63 -15.07
CA ASP A 396 -3.49 -10.88 -14.74
C ASP A 396 -2.31 -11.82 -14.49
N GLY A 397 -2.56 -13.09 -14.17
CA GLY A 397 -1.49 -14.05 -14.01
C GLY A 397 -0.68 -14.21 -15.28
N SER A 398 -1.27 -13.89 -16.43
CA SER A 398 -0.51 -13.83 -17.67
C SER A 398 0.56 -12.76 -17.60
N ALA A 399 0.18 -11.57 -17.12
CA ALA A 399 1.12 -10.46 -17.04
C ALA A 399 2.37 -10.84 -16.27
N LEU A 400 2.20 -11.56 -15.17
CA LEU A 400 3.35 -12.06 -14.42
C LEU A 400 4.21 -12.95 -15.29
N ASP A 401 3.59 -13.90 -15.98
CA ASP A 401 4.35 -14.89 -16.76
C ASP A 401 5.20 -14.21 -17.81
N ILE A 402 4.62 -13.26 -18.54
CA ILE A 402 5.30 -12.68 -19.69
C ILE A 402 6.26 -11.58 -19.26
N PHE A 403 5.75 -10.58 -18.56
CA PHE A 403 6.46 -9.32 -18.42
C PHE A 403 7.63 -9.42 -17.44
N THR A 404 7.41 -10.02 -16.27
CA THR A 404 8.47 -10.10 -15.27
C THR A 404 9.73 -10.71 -15.85
N HIS A 405 9.59 -11.82 -16.57
CA HIS A 405 10.75 -12.57 -17.04
C HIS A 405 11.37 -11.96 -18.28
N LEU A 406 10.61 -11.21 -19.07
CA LEU A 406 11.20 -10.55 -20.24
C LEU A 406 12.15 -9.45 -19.84
N LEU A 407 11.83 -8.70 -18.79
CA LEU A 407 12.73 -7.67 -18.31
C LEU A 407 13.91 -8.22 -17.51
N ALA A 408 13.91 -9.52 -17.23
CA ALA A 408 15.06 -10.19 -16.62
C ALA A 408 15.94 -10.87 -17.65
N GLY A 409 15.61 -10.80 -18.93
CA GLY A 409 16.36 -11.50 -19.95
C GLY A 409 16.10 -12.99 -20.02
N ALA A 410 15.10 -13.50 -19.30
CA ALA A 410 14.83 -14.92 -19.26
C ALA A 410 14.13 -15.36 -20.56
N ALA A 411 13.90 -16.66 -20.67
CA ALA A 411 13.28 -17.25 -21.85
C ALA A 411 11.88 -17.76 -21.50
N LEU A 412 10.89 -17.30 -22.27
CA LEU A 412 9.51 -17.72 -22.07
C LEU A 412 9.23 -18.95 -22.92
N HIS A 413 8.54 -19.92 -22.33
CA HIS A 413 8.10 -21.10 -23.06
C HIS A 413 6.58 -21.16 -23.03
N ILE A 414 5.98 -21.16 -24.22
CA ILE A 414 4.53 -21.23 -24.33
C ILE A 414 4.06 -22.62 -23.95
N VAL A 415 2.90 -22.68 -23.29
CA VAL A 415 2.31 -23.94 -22.84
C VAL A 415 1.09 -24.21 -23.71
N PRO A 416 1.11 -25.22 -24.57
CA PRO A 416 -0.05 -25.54 -25.39
C PRO A 416 -1.11 -26.27 -24.56
N SER A 417 -2.31 -26.36 -25.12
CA SER A 417 -3.37 -27.12 -24.44
C SER A 417 -2.97 -28.58 -24.27
N GLU A 418 -2.00 -29.06 -25.06
CA GLU A 418 -1.61 -30.46 -25.00
C GLU A 418 -1.19 -30.85 -23.59
N ARG A 419 -0.43 -29.98 -22.92
CA ARG A 419 0.02 -30.22 -21.55
C ARG A 419 -0.56 -29.20 -20.59
N LYS A 420 -1.53 -28.40 -21.04
CA LYS A 420 -2.20 -27.47 -20.13
C LYS A 420 -2.78 -28.19 -18.92
N TYR A 421 -3.39 -29.36 -19.16
CA TYR A 421 -4.07 -30.11 -18.11
C TYR A 421 -3.29 -31.32 -17.63
N ASP A 422 -2.59 -32.03 -18.51
CA ASP A 422 -1.79 -33.18 -18.10
C ASP A 422 -0.52 -32.67 -17.45
N LEU A 423 -0.53 -32.58 -16.12
CA LEU A 423 0.66 -32.10 -15.41
C LEU A 423 1.77 -33.14 -15.43
N ASP A 424 1.42 -34.42 -15.55
CA ASP A 424 2.46 -35.43 -15.73
C ASP A 424 3.23 -35.16 -17.01
N ALA A 425 2.52 -34.81 -18.09
CA ALA A 425 3.18 -34.49 -19.35
C ALA A 425 3.91 -33.16 -19.27
N LEU A 426 3.29 -32.16 -18.65
CA LEU A 426 3.97 -30.89 -18.46
C LEU A 426 5.26 -31.09 -17.68
N ASN A 427 5.17 -31.69 -16.49
CA ASN A 427 6.38 -31.93 -15.70
C ASN A 427 7.49 -32.50 -16.56
N ASP A 428 7.16 -33.47 -17.42
CA ASP A 428 8.15 -34.02 -18.34
C ASP A 428 8.72 -32.93 -19.24
N TYR A 429 7.86 -32.03 -19.75
CA TYR A 429 8.34 -30.85 -20.46
C TYR A 429 9.41 -30.14 -19.65
N CYS A 430 9.08 -29.78 -18.41
CA CYS A 430 9.98 -28.94 -17.62
C CYS A 430 11.29 -29.65 -17.34
N ASN A 431 11.24 -30.93 -16.97
CA ASN A 431 12.47 -31.66 -16.68
C ASN A 431 13.36 -31.75 -17.90
N GLN A 432 12.77 -31.84 -19.10
CA GLN A 432 13.56 -31.89 -20.32
C GLN A 432 14.14 -30.51 -20.66
N GLU A 433 13.29 -29.49 -20.69
CA GLU A 433 13.73 -28.14 -21.05
C GLU A 433 14.44 -27.42 -19.91
N GLY A 434 14.38 -27.93 -18.69
CA GLY A 434 15.05 -27.30 -17.57
C GLY A 434 14.41 -26.01 -17.11
N ILE A 435 13.08 -26.02 -16.96
CA ILE A 435 12.36 -24.83 -16.48
C ILE A 435 12.71 -24.59 -15.02
N THR A 436 12.92 -23.32 -14.66
CA THR A 436 13.40 -22.97 -13.33
C THR A 436 12.40 -22.20 -12.47
N ILE A 437 11.40 -21.56 -13.05
CA ILE A 437 10.50 -20.71 -12.29
C ILE A 437 9.24 -20.45 -13.12
N SER A 438 8.13 -20.18 -12.44
CA SER A 438 6.88 -19.82 -13.08
C SER A 438 5.81 -19.68 -12.01
N TYR A 439 4.65 -19.17 -12.40
CA TYR A 439 3.49 -19.06 -11.54
C TYR A 439 2.41 -20.03 -11.97
N LEU A 440 1.81 -20.71 -10.99
CA LEU A 440 0.68 -21.60 -11.21
C LEU A 440 -0.41 -21.24 -10.22
N PRO A 441 -1.68 -21.09 -10.66
CA PRO A 441 -2.76 -20.88 -9.69
C PRO A 441 -2.79 -21.98 -8.65
N THR A 442 -3.46 -21.73 -7.51
CA THR A 442 -3.43 -22.70 -6.42
C THR A 442 -3.89 -24.07 -6.88
N GLY A 443 -5.01 -24.13 -7.61
CA GLY A 443 -5.51 -25.39 -8.11
C GLY A 443 -4.42 -26.18 -8.81
N ALA A 444 -3.89 -25.60 -9.89
CA ALA A 444 -2.88 -26.29 -10.68
C ALA A 444 -1.61 -26.55 -9.87
N ALA A 445 -1.21 -25.59 -9.02
CA ALA A 445 0.00 -25.74 -8.23
C ALA A 445 -0.10 -26.94 -7.29
N GLU A 446 -1.23 -27.05 -6.58
CA GLU A 446 -1.40 -28.18 -5.66
C GLU A 446 -1.25 -29.50 -6.38
N GLN A 447 -1.88 -29.64 -7.56
CA GLN A 447 -1.70 -30.84 -8.36
C GLN A 447 -0.23 -31.07 -8.69
N PHE A 448 0.47 -30.01 -9.14
CA PHE A 448 1.85 -30.18 -9.59
C PHE A 448 2.77 -30.67 -8.49
N MET A 449 2.42 -30.42 -7.23
CA MET A 449 3.22 -30.95 -6.13
C MET A 449 3.30 -32.47 -6.22
N GLN A 450 2.29 -33.10 -6.80
CA GLN A 450 2.24 -34.55 -6.88
C GLN A 450 3.23 -35.09 -7.91
N MET A 451 3.48 -34.36 -9.00
CA MET A 451 4.40 -34.83 -10.03
C MET A 451 5.84 -34.64 -9.59
N ASP A 452 6.69 -35.62 -9.93
CA ASP A 452 8.12 -35.51 -9.62
C ASP A 452 8.74 -34.42 -10.48
N ASN A 453 9.63 -33.64 -9.89
CA ASN A 453 10.26 -32.55 -10.62
C ASN A 453 11.67 -32.31 -10.11
N GLN A 454 12.55 -31.98 -11.05
CA GLN A 454 13.93 -31.62 -10.75
C GLN A 454 14.38 -30.38 -11.49
N SER A 455 13.52 -29.78 -12.32
CA SER A 455 13.90 -28.61 -13.09
C SER A 455 13.80 -27.33 -12.26
N PHE A 456 12.72 -27.18 -11.49
CA PHE A 456 12.38 -25.88 -10.93
C PHE A 456 13.33 -25.46 -9.83
N ARG A 457 13.57 -24.16 -9.76
CA ARG A 457 14.22 -23.50 -8.65
C ARG A 457 13.21 -22.76 -7.76
N VAL A 458 12.09 -22.33 -8.34
CA VAL A 458 11.06 -21.60 -7.61
C VAL A 458 9.71 -21.89 -8.28
N VAL A 459 8.66 -21.95 -7.46
CA VAL A 459 7.29 -22.01 -7.96
C VAL A 459 6.43 -21.08 -7.12
N ILE A 460 5.49 -20.40 -7.77
CA ILE A 460 4.68 -19.35 -7.15
C ILE A 460 3.22 -19.66 -7.39
N THR A 461 2.40 -19.45 -6.36
CA THR A 461 0.97 -19.69 -6.47
C THR A 461 0.20 -18.59 -5.74
N GLY A 462 -1.12 -18.73 -5.75
CA GLY A 462 -2.03 -17.76 -5.15
C GLY A 462 -3.15 -17.42 -6.09
N GLY A 463 -4.26 -16.95 -5.55
CA GLY A 463 -5.45 -16.65 -6.33
C GLY A 463 -6.66 -17.27 -5.68
N ASP A 464 -6.48 -18.48 -5.18
CA ASP A 464 -7.41 -19.13 -4.27
C ASP A 464 -6.65 -19.50 -3.02
N VAL A 465 -7.37 -19.98 -2.00
CA VAL A 465 -6.73 -20.34 -0.74
C VAL A 465 -5.82 -21.53 -0.98
N LEU A 466 -4.59 -21.42 -0.50
CA LEU A 466 -3.61 -22.51 -0.58
C LEU A 466 -3.65 -23.29 0.73
N LYS A 467 -3.78 -24.62 0.62
CA LYS A 467 -3.89 -25.48 1.79
C LYS A 467 -2.79 -26.53 1.94
N LYS A 468 -2.13 -26.97 0.86
CA LYS A 468 -1.10 -28.01 0.95
C LYS A 468 0.26 -27.48 0.55
N ILE A 469 1.30 -28.02 1.21
CA ILE A 469 2.68 -27.64 0.95
C ILE A 469 3.54 -28.82 0.48
N GLU A 470 3.10 -30.06 0.66
CA GLU A 470 3.96 -31.21 0.40
C GLU A 470 4.37 -31.27 -1.08
N ARG A 471 5.63 -31.03 -1.39
CA ARG A 471 6.12 -31.06 -2.77
C ARG A 471 7.30 -32.01 -2.91
N ASN A 472 7.49 -32.50 -4.13
CA ASN A 472 8.54 -33.48 -4.42
C ASN A 472 9.87 -32.80 -4.74
N GLY A 473 9.84 -31.65 -5.40
CA GLY A 473 11.04 -31.05 -5.93
C GLY A 473 11.83 -30.22 -4.92
N THR A 474 13.03 -29.82 -5.36
CA THR A 474 13.94 -29.03 -4.54
C THR A 474 13.45 -27.60 -4.35
N TYR A 475 12.77 -27.08 -5.37
CA TYR A 475 12.41 -25.66 -5.45
C TYR A 475 11.75 -25.14 -4.18
N LYS A 476 11.98 -23.86 -3.91
CA LYS A 476 11.22 -23.11 -2.93
C LYS A 476 9.79 -22.87 -3.45
N LEU A 477 8.87 -22.60 -2.53
CA LEU A 477 7.47 -22.38 -2.85
C LEU A 477 6.99 -21.09 -2.22
N TYR A 478 6.24 -20.30 -2.99
CA TYR A 478 5.75 -19.00 -2.54
C TYR A 478 4.24 -18.89 -2.77
N ASN A 479 3.53 -18.38 -1.78
CA ASN A 479 2.11 -18.08 -1.89
C ASN A 479 1.92 -16.58 -1.95
N GLY A 480 1.14 -16.11 -2.93
CA GLY A 480 0.91 -14.70 -3.13
C GLY A 480 -0.57 -14.38 -3.12
N TYR A 481 -0.86 -13.07 -3.04
CA TYR A 481 -2.23 -12.59 -2.96
C TYR A 481 -2.30 -11.24 -3.66
N GLY A 482 -3.50 -10.90 -4.13
CA GLY A 482 -3.77 -9.60 -4.68
C GLY A 482 -4.87 -9.63 -5.71
N PRO A 483 -5.69 -8.58 -5.77
CA PRO A 483 -6.75 -8.53 -6.77
C PRO A 483 -6.25 -7.96 -8.09
N THR A 484 -7.02 -8.26 -9.13
CA THR A 484 -6.71 -7.73 -10.46
C THR A 484 -6.72 -6.20 -10.46
N GLU A 485 -7.47 -5.59 -9.54
CA GLU A 485 -7.57 -4.13 -9.53
C GLU A 485 -6.31 -3.45 -9.06
N CYS A 486 -5.45 -4.14 -8.31
CA CYS A 486 -4.19 -3.59 -7.83
C CYS A 486 -2.99 -4.27 -8.48
N THR A 487 -3.17 -4.78 -9.71
CA THR A 487 -2.10 -5.30 -10.55
C THR A 487 -1.52 -6.61 -10.05
N ILE A 488 -2.09 -7.73 -10.49
CA ILE A 488 -1.53 -9.03 -10.14
C ILE A 488 -1.54 -9.15 -8.61
N MET A 489 -0.37 -9.37 -8.02
CA MET A 489 -0.24 -9.59 -6.59
C MET A 489 0.40 -8.39 -5.89
N VAL A 490 0.02 -8.19 -4.64
CA VAL A 490 0.58 -7.13 -3.81
C VAL A 490 1.39 -7.66 -2.63
N THR A 491 1.27 -8.95 -2.32
CA THR A 491 1.98 -9.52 -1.18
C THR A 491 2.57 -10.86 -1.59
N MET A 492 3.58 -11.31 -0.85
CA MET A 492 4.33 -12.50 -1.20
C MET A 492 4.89 -13.14 0.05
N PHE A 493 4.74 -14.47 0.15
CA PHE A 493 5.23 -15.24 1.28
C PHE A 493 6.03 -16.44 0.78
N GLU A 494 7.20 -16.65 1.38
CA GLU A 494 7.98 -17.87 1.18
C GLU A 494 7.52 -18.91 2.20
N VAL A 495 7.10 -20.07 1.71
CA VAL A 495 6.55 -21.13 2.57
C VAL A 495 7.72 -21.98 3.07
N ASP A 496 8.00 -21.90 4.38
CA ASP A 496 9.07 -22.67 4.99
C ASP A 496 8.58 -23.87 5.76
N LYS A 497 7.39 -23.82 6.35
CA LYS A 497 6.87 -24.89 7.19
C LYS A 497 5.37 -24.97 6.98
N PRO A 498 4.73 -26.06 7.37
CA PRO A 498 3.29 -26.18 7.19
C PRO A 498 2.51 -25.29 8.15
N TYR A 499 1.31 -24.88 7.72
CA TYR A 499 0.46 -24.00 8.50
C TYR A 499 -1.00 -24.38 8.26
N ALA A 500 -1.82 -24.25 9.31
CA ALA A 500 -3.26 -24.44 9.14
C ALA A 500 -3.87 -23.34 8.29
N ASN A 501 -3.34 -22.12 8.41
CA ASN A 501 -3.67 -21.02 7.52
C ASN A 501 -2.35 -20.50 6.98
N ILE A 502 -2.04 -20.83 5.73
CA ILE A 502 -0.78 -20.41 5.13
C ILE A 502 -0.81 -18.90 4.95
N PRO A 503 0.11 -18.15 5.53
CA PRO A 503 0.08 -16.69 5.38
C PRO A 503 0.41 -16.28 3.95
N ILE A 504 -0.02 -15.07 3.61
CA ILE A 504 0.18 -14.53 2.27
C ILE A 504 1.32 -13.51 2.20
N GLY A 505 2.01 -13.28 3.31
CA GLY A 505 3.30 -12.62 3.29
C GLY A 505 3.24 -11.12 3.56
N LYS A 506 4.30 -10.46 3.13
CA LYS A 506 4.50 -9.03 3.31
C LYS A 506 4.33 -8.28 2.00
N PRO A 507 4.06 -6.98 2.05
CA PRO A 507 3.83 -6.22 0.80
C PRO A 507 5.09 -6.11 -0.05
N ILE A 508 4.87 -5.87 -1.35
CA ILE A 508 5.97 -5.73 -2.31
C ILE A 508 6.48 -4.29 -2.30
N ASP A 509 7.39 -3.97 -3.21
CA ASP A 509 7.94 -2.62 -3.27
C ASP A 509 6.83 -1.58 -3.43
N ARG A 510 7.02 -0.44 -2.78
CA ARG A 510 6.17 0.73 -2.96
C ARG A 510 4.69 0.45 -2.70
N THR A 511 4.38 -0.60 -1.93
CA THR A 511 3.01 -0.91 -1.57
C THR A 511 2.89 -0.99 -0.05
N ARG A 512 1.73 -0.57 0.46
CA ARG A 512 1.41 -0.61 1.88
C ARG A 512 0.03 -1.24 2.04
N ILE A 513 -0.15 -2.01 3.11
CA ILE A 513 -1.42 -2.67 3.38
C ILE A 513 -1.85 -2.33 4.79
N LEU A 514 -3.14 -1.99 4.95
CA LEU A 514 -3.70 -1.55 6.22
C LEU A 514 -4.92 -2.38 6.56
N ILE A 515 -5.05 -2.76 7.83
CA ILE A 515 -6.21 -3.48 8.33
C ILE A 515 -7.08 -2.48 9.08
N LEU A 516 -8.35 -2.34 8.65
CA LEU A 516 -9.17 -1.24 9.17
C LEU A 516 -10.50 -1.74 9.72
N ASP A 517 -10.97 -1.02 10.74
CA ASP A 517 -12.32 -1.11 11.27
C ASP A 517 -13.34 -0.78 10.19
N GLU A 518 -14.60 -1.18 10.41
CA GLU A 518 -15.69 -0.66 9.59
C GLU A 518 -15.68 0.87 9.58
N ALA A 519 -15.11 1.47 10.62
CA ALA A 519 -14.93 2.91 10.70
C ALA A 519 -13.70 3.40 9.93
N LEU A 520 -12.91 2.49 9.38
CA LEU A 520 -11.70 2.82 8.62
C LEU A 520 -10.57 3.27 9.54
N ALA A 521 -10.58 2.82 10.79
CA ALA A 521 -9.48 3.09 11.72
C ALA A 521 -8.51 1.92 11.71
N LEU A 522 -7.24 2.24 11.97
CA LEU A 522 -6.24 1.19 12.07
C LEU A 522 -6.63 0.18 13.14
N GLN A 523 -6.03 -0.99 13.06
CA GLN A 523 -6.29 -2.06 14.01
C GLN A 523 -4.97 -2.59 14.55
N PRO A 524 -4.89 -2.89 15.84
CA PRO A 524 -3.63 -3.36 16.40
C PRO A 524 -3.17 -4.65 15.74
N ILE A 525 -1.86 -4.90 15.77
CA ILE A 525 -1.32 -6.15 15.27
C ILE A 525 -2.06 -7.31 15.91
N GLY A 526 -2.55 -8.23 15.07
CA GLY A 526 -3.23 -9.41 15.54
C GLY A 526 -4.74 -9.33 15.49
N VAL A 527 -5.31 -8.15 15.21
CA VAL A 527 -6.74 -7.95 15.20
C VAL A 527 -7.22 -7.93 13.76
N ALA A 528 -8.28 -8.68 13.49
CA ALA A 528 -8.82 -8.78 12.14
C ALA A 528 -9.51 -7.49 11.72
N GLY A 529 -9.52 -7.25 10.41
CA GLY A 529 -10.28 -6.16 9.84
C GLY A 529 -10.31 -6.31 8.34
N GLU A 530 -11.02 -5.39 7.68
CA GLU A 530 -11.06 -5.37 6.22
C GLU A 530 -9.72 -4.89 5.68
N LEU A 531 -9.09 -5.72 4.86
CA LEU A 531 -7.76 -5.40 4.35
C LEU A 531 -7.87 -4.33 3.26
N PHE A 532 -7.02 -3.30 3.37
CA PHE A 532 -6.97 -2.20 2.42
C PHE A 532 -5.58 -2.12 1.80
N ILE A 533 -5.53 -1.70 0.54
CA ILE A 533 -4.29 -1.62 -0.21
C ILE A 533 -4.03 -0.16 -0.58
N VAL A 534 -2.77 0.25 -0.48
CA VAL A 534 -2.33 1.57 -0.89
C VAL A 534 -0.97 1.42 -1.56
N GLY A 535 -0.71 2.25 -2.57
CA GLY A 535 0.61 2.31 -3.15
C GLY A 535 0.58 2.21 -4.66
N GLU A 536 1.76 1.91 -5.21
CA GLU A 536 1.95 1.95 -6.66
C GLU A 536 1.02 1.01 -7.40
N GLY A 537 0.58 -0.07 -6.74
CA GLY A 537 -0.16 -1.13 -7.42
C GLY A 537 -1.54 -0.73 -7.91
N LEU A 538 -2.11 0.35 -7.39
CA LEU A 538 -3.50 0.67 -7.69
C LEU A 538 -3.66 1.10 -9.14
N GLY A 539 -4.65 0.52 -9.80
CA GLY A 539 -4.94 0.85 -11.19
C GLY A 539 -5.79 2.09 -11.30
N ARG A 540 -6.28 2.34 -12.52
CA ARG A 540 -7.05 3.54 -12.80
C ARG A 540 -8.51 3.38 -12.36
N GLY A 541 -9.03 2.15 -12.31
CA GLY A 541 -10.40 1.91 -11.91
C GLY A 541 -11.10 1.04 -12.93
N TYR A 542 -12.43 1.10 -12.90
CA TYR A 542 -13.26 0.29 -13.76
C TYR A 542 -13.70 1.11 -14.97
N LEU A 543 -13.63 0.50 -16.15
CA LEU A 543 -13.92 1.22 -17.38
C LEU A 543 -15.42 1.46 -17.52
N ASN A 544 -15.81 2.73 -17.64
CA ASN A 544 -17.20 3.14 -17.79
C ASN A 544 -18.01 2.88 -16.53
N ARG A 545 -17.35 2.90 -15.36
CA ARG A 545 -18.00 2.59 -14.09
C ARG A 545 -17.49 3.53 -13.02
N PRO A 546 -17.71 4.84 -13.20
CA PRO A 546 -17.18 5.81 -12.24
C PRO A 546 -17.82 5.71 -10.87
N GLU A 547 -19.15 5.55 -10.80
CA GLU A 547 -19.81 5.42 -9.51
C GLU A 547 -19.31 4.19 -8.76
N LEU A 548 -19.10 3.08 -9.48
CA LEU A 548 -18.58 1.87 -8.83
C LEU A 548 -17.09 2.01 -8.54
N THR A 549 -16.35 2.69 -9.41
CA THR A 549 -14.96 3.01 -9.13
C THR A 549 -14.84 3.75 -7.80
N ALA A 550 -15.70 4.77 -7.60
CA ALA A 550 -15.70 5.51 -6.35
C ALA A 550 -15.97 4.58 -5.16
N GLU A 551 -16.88 3.63 -5.31
CA GLU A 551 -17.15 2.67 -4.24
C GLU A 551 -15.86 2.00 -3.76
N LYS A 552 -15.08 1.46 -4.71
CA LYS A 552 -13.95 0.62 -4.38
C LYS A 552 -12.63 1.37 -4.26
N PHE A 553 -12.49 2.49 -4.97
CA PHE A 553 -11.29 3.34 -4.89
C PHE A 553 -11.68 4.61 -4.13
N ILE A 554 -11.25 4.71 -2.88
CA ILE A 554 -11.77 5.70 -1.94
C ILE A 554 -10.67 6.68 -1.55
N VAL A 555 -11.11 7.81 -1.01
CA VAL A 555 -10.25 8.80 -0.39
C VAL A 555 -10.48 8.70 1.11
N HIS A 556 -9.51 8.15 1.83
CA HIS A 556 -9.70 7.89 3.25
C HIS A 556 -10.15 9.16 3.97
N PRO A 557 -11.05 9.05 4.95
CA PRO A 557 -11.55 10.26 5.62
C PRO A 557 -10.51 10.98 6.47
N GLN A 558 -9.57 10.26 7.08
CA GLN A 558 -8.54 10.89 7.89
C GLN A 558 -7.29 11.24 7.07
N THR A 559 -6.66 10.24 6.45
CA THR A 559 -5.37 10.47 5.79
C THR A 559 -5.51 11.10 4.41
N GLY A 560 -6.66 10.98 3.77
CA GLY A 560 -6.83 11.48 2.43
C GLY A 560 -6.12 10.67 1.36
N GLU A 561 -5.45 9.59 1.74
CA GLU A 561 -4.77 8.74 0.77
C GLU A 561 -5.79 7.98 -0.06
N ARG A 562 -5.39 7.61 -1.27
CA ARG A 562 -6.23 6.80 -2.14
C ARG A 562 -5.98 5.32 -1.84
N MET A 563 -7.05 4.59 -1.54
CA MET A 563 -6.90 3.19 -1.18
C MET A 563 -7.95 2.35 -1.88
N TYR A 564 -7.63 1.07 -2.01
CA TYR A 564 -8.51 0.09 -2.61
C TYR A 564 -9.09 -0.79 -1.51
N ARG A 565 -10.41 -0.86 -1.46
CA ARG A 565 -11.14 -1.69 -0.50
C ARG A 565 -11.34 -3.07 -1.11
N THR A 566 -10.70 -4.09 -0.53
CA THR A 566 -10.79 -5.42 -1.14
C THR A 566 -12.08 -6.14 -0.79
N GLY A 567 -12.60 -5.95 0.42
CA GLY A 567 -13.68 -6.77 0.90
C GLY A 567 -13.24 -8.10 1.48
N ASP A 568 -11.94 -8.31 1.62
CA ASP A 568 -11.39 -9.48 2.28
C ASP A 568 -11.07 -9.16 3.74
N ARG A 569 -11.16 -10.18 4.59
CA ARG A 569 -10.74 -10.07 5.97
C ARG A 569 -9.31 -10.57 6.10
N ALA A 570 -8.56 -9.99 7.03
CA ALA A 570 -7.18 -10.41 7.28
C ALA A 570 -6.72 -9.78 8.58
N ARG A 571 -5.48 -10.10 8.97
CA ARG A 571 -4.86 -9.51 10.14
C ARG A 571 -3.35 -9.73 10.04
N PHE A 572 -2.60 -8.88 10.75
CA PHE A 572 -1.15 -8.99 10.80
C PHE A 572 -0.73 -9.96 11.89
N LEU A 573 0.33 -10.72 11.62
CA LEU A 573 0.94 -11.60 12.60
C LEU A 573 2.10 -10.90 13.29
N PRO A 574 2.50 -11.34 14.49
CA PRO A 574 3.57 -10.64 15.22
C PRO A 574 4.84 -10.44 14.41
N ASP A 575 5.14 -11.30 13.44
CA ASP A 575 6.38 -11.20 12.68
C ASP A 575 6.23 -10.41 11.39
N GLY A 576 5.08 -9.78 11.15
CA GLY A 576 4.90 -8.88 10.03
C GLY A 576 4.15 -9.47 8.85
N ASN A 577 3.96 -10.79 8.82
CA ASN A 577 3.25 -11.41 7.71
C ASN A 577 1.74 -11.27 7.89
N ILE A 578 1.03 -11.33 6.76
CA ILE A 578 -0.42 -11.14 6.74
C ILE A 578 -1.09 -12.49 6.60
N GLU A 579 -2.33 -12.57 7.10
CA GLU A 579 -3.08 -13.81 7.17
C GLU A 579 -4.47 -13.57 6.61
N PHE A 580 -4.85 -14.33 5.59
CA PHE A 580 -6.16 -14.20 4.97
C PHE A 580 -7.23 -14.92 5.77
N LEU A 581 -8.41 -14.31 5.89
CA LEU A 581 -9.47 -14.83 6.76
C LEU A 581 -10.82 -14.83 6.05
N GLY A 582 -10.83 -14.99 4.73
CA GLY A 582 -12.07 -15.08 4.00
C GLY A 582 -12.68 -13.73 3.69
N ARG A 583 -13.84 -13.77 3.04
CA ARG A 583 -14.54 -12.55 2.64
C ARG A 583 -15.26 -11.94 3.83
N LEU A 584 -15.80 -10.74 3.62
CA LEU A 584 -16.48 -9.99 4.66
C LEU A 584 -17.95 -10.34 4.79
N ASP A 585 -18.56 -10.85 3.72
CA ASP A 585 -19.98 -11.19 3.70
C ASP A 585 -20.87 -9.96 3.84
#